data_2P0B
#
_entry.id   2P0B
#
_cell.length_a   49.727
_cell.length_b   59.433
_cell.length_c   65.318
_cell.angle_alpha   90.00
_cell.angle_beta   90.00
_cell.angle_gamma   90.00
#
_symmetry.space_group_name_H-M   'P 21 21 21'
#
loop_
_entity.id
_entity.type
_entity.pdbx_description
1 polymer 'Cytochrome c-type protein nrfB'
2 non-polymer 'HEME C'
3 water water
#
_entity_poly.entity_id   1
_entity_poly.type   'polypeptide(L)'
_entity_poly.pdbx_seq_one_letter_code
;ATPAAQASDDRYEVTQQRNPDAACLDCHKPDTEGMHGKHASVINPNNKLPVTCTNCHGQPSPQHREGVKDVMRFNEPMYK
VGEQNSVCMSCHLPEQLQKAFWPHDVHVTKVACASCHSLHPQQDTMQTLSDKGRIKICVDCHSDQRTNPNFNPASVPLLK
EQP
;
_entity_poly.pdbx_strand_id   A
#
loop_
_chem_comp.id
_chem_comp.type
_chem_comp.name
_chem_comp.formula
HEC non-polymer 'HEME C' 'C34 H34 Fe N4 O4'
#
# COMPACT_ATOMS: atom_id res chain seq x y z
N ASN A 19 18.92 -8.23 7.25
CA ASN A 19 20.06 -8.11 6.30
C ASN A 19 19.70 -7.68 4.87
N PRO A 20 18.72 -8.36 4.23
CA PRO A 20 18.38 -7.92 2.87
C PRO A 20 18.02 -6.43 2.80
N ASP A 21 17.28 -5.94 3.80
CA ASP A 21 16.82 -4.54 3.83
C ASP A 21 17.94 -3.52 4.03
N ALA A 22 19.07 -3.98 4.55
CA ALA A 22 20.23 -3.12 4.77
C ALA A 22 20.68 -2.42 3.49
N ALA A 23 20.64 -3.14 2.37
CA ALA A 23 21.00 -2.53 1.08
C ALA A 23 20.18 -1.28 0.79
N CYS A 24 18.87 -1.38 0.96
CA CYS A 24 17.97 -0.27 0.66
C CYS A 24 18.23 0.86 1.62
N LEU A 25 18.47 0.51 2.87
CA LEU A 25 18.61 1.50 3.92
C LEU A 25 20.01 2.17 3.93
N ASP A 26 20.82 1.83 2.94
CA ASP A 26 22.06 2.55 2.70
CA ASP A 26 22.06 2.55 2.72
C ASP A 26 21.76 3.94 2.15
N CYS A 27 20.63 4.05 1.45
CA CYS A 27 20.20 5.34 0.92
C CYS A 27 18.92 5.84 1.55
N HIS A 28 17.95 4.95 1.68
CA HIS A 28 16.64 5.34 2.21
C HIS A 28 16.67 5.53 3.72
N LYS A 29 15.81 6.41 4.23
CA LYS A 29 15.79 6.77 5.66
C LYS A 29 15.18 5.64 6.48
N PRO A 30 15.94 5.07 7.45
CA PRO A 30 15.45 3.93 8.24
C PRO A 30 14.24 4.19 9.12
N ASP A 31 13.92 5.45 9.39
CA ASP A 31 12.69 5.69 10.13
C ASP A 31 11.46 5.76 9.21
N THR A 32 11.38 6.78 8.37
CA THR A 32 10.16 6.96 7.56
C THR A 32 10.08 6.00 6.37
N GLU A 33 11.25 5.59 5.87
CA GLU A 33 11.29 4.64 4.75
C GLU A 33 11.66 3.25 5.24
N GLY A 34 11.74 3.12 6.56
CA GLY A 34 11.85 1.82 7.20
C GLY A 34 10.44 1.33 7.40
N MET A 35 10.29 0.01 7.46
CA MET A 35 8.98 -0.60 7.64
C MET A 35 8.74 -0.76 9.15
N HIS A 36 7.86 0.06 9.71
CA HIS A 36 7.61 0.03 11.16
C HIS A 36 6.18 -0.33 11.53
N GLY A 37 5.37 -0.63 10.53
CA GLY A 37 4.03 -1.18 10.79
C GLY A 37 4.05 -2.68 11.09
N LYS A 38 2.87 -3.26 11.05
CA LYS A 38 2.65 -4.69 11.28
C LYS A 38 3.62 -5.50 10.41
N HIS A 39 3.91 -5.07 9.18
CA HIS A 39 4.76 -5.88 8.31
C HIS A 39 6.21 -6.02 8.82
N ALA A 40 6.60 -5.17 9.76
CA ALA A 40 7.94 -5.24 10.36
C ALA A 40 8.18 -6.57 11.09
N SER A 41 7.10 -7.15 11.60
CA SER A 41 7.19 -8.26 12.53
C SER A 41 6.57 -9.57 12.04
N VAL A 42 6.20 -9.63 10.75
CA VAL A 42 5.50 -10.80 10.19
C VAL A 42 6.42 -11.68 9.33
N ILE A 43 6.01 -12.92 9.12
CA ILE A 43 6.75 -13.83 8.25
C ILE A 43 6.12 -13.85 6.88
N ASN A 44 6.95 -13.82 5.85
CA ASN A 44 6.52 -14.03 4.46
C ASN A 44 6.02 -15.47 4.29
N PRO A 45 4.72 -15.64 3.99
CA PRO A 45 4.20 -17.02 3.93
C PRO A 45 4.76 -17.83 2.77
N ASN A 46 5.39 -17.14 1.81
CA ASN A 46 5.89 -17.80 0.61
C ASN A 46 7.24 -18.49 0.81
N ASN A 47 8.01 -18.00 1.77
CA ASN A 47 9.38 -18.49 1.97
C ASN A 47 9.75 -18.69 3.44
N LYS A 48 8.82 -18.34 4.32
CA LYS A 48 8.96 -18.51 5.77
C LYS A 48 10.08 -17.68 6.39
N LEU A 49 10.49 -16.63 5.67
CA LEU A 49 11.50 -15.69 6.15
C LEU A 49 10.83 -14.34 6.44
N PRO A 50 11.47 -13.49 7.27
CA PRO A 50 10.87 -12.18 7.57
C PRO A 50 10.62 -11.37 6.29
N VAL A 51 9.52 -10.61 6.26
CA VAL A 51 9.16 -9.81 5.09
C VAL A 51 10.26 -8.76 4.87
N THR A 52 10.68 -8.61 3.61
CA THR A 52 11.76 -7.67 3.23
C THR A 52 11.21 -6.60 2.28
N CYS A 53 12.00 -5.53 2.08
CA CYS A 53 11.62 -4.47 1.16
C CYS A 53 11.22 -4.99 -0.23
N THR A 54 11.98 -5.92 -0.79
CA THR A 54 11.73 -6.31 -2.19
C THR A 54 10.43 -7.12 -2.31
N ASN A 55 9.96 -7.71 -1.19
CA ASN A 55 8.74 -8.48 -1.24
C ASN A 55 7.52 -7.61 -1.64
N CYS A 56 7.59 -6.30 -1.37
CA CYS A 56 6.56 -5.36 -1.83
C CYS A 56 6.98 -4.47 -3.01
N HIS A 57 8.25 -4.07 -3.02
CA HIS A 57 8.74 -3.09 -3.98
C HIS A 57 9.49 -3.65 -5.17
N GLY A 58 9.86 -4.93 -5.14
CA GLY A 58 10.67 -5.43 -6.23
C GLY A 58 12.10 -4.92 -6.13
N GLN A 59 12.77 -4.86 -7.27
CA GLN A 59 14.22 -4.69 -7.31
CA GLN A 59 14.23 -4.70 -7.33
C GLN A 59 14.66 -3.44 -8.08
N PRO A 60 15.51 -2.60 -7.47
CA PRO A 60 16.08 -1.46 -8.17
C PRO A 60 16.97 -1.90 -9.34
N SER A 61 16.93 -1.13 -10.42
CA SER A 61 17.81 -1.33 -11.57
C SER A 61 19.05 -0.43 -11.43
N PRO A 62 20.06 -0.63 -12.28
CA PRO A 62 21.16 0.34 -12.29
C PRO A 62 20.72 1.80 -12.52
N GLN A 63 19.56 2.02 -13.13
CA GLN A 63 19.01 3.37 -13.37
C GLN A 63 18.04 3.89 -12.26
N HIS A 64 18.03 3.19 -11.13
CA HIS A 64 17.10 3.46 -10.03
C HIS A 64 16.97 4.94 -9.63
N ARG A 65 18.12 5.60 -9.42
CA ARG A 65 18.12 7.02 -8.98
C ARG A 65 17.49 8.01 -9.96
N GLU A 66 17.26 7.58 -11.21
CA GLU A 66 16.71 8.44 -12.25
CA GLU A 66 16.70 8.44 -12.24
C GLU A 66 15.17 8.45 -12.25
N GLY A 67 14.56 7.52 -11.51
CA GLY A 67 13.10 7.44 -11.46
C GLY A 67 12.61 6.67 -12.68
N VAL A 68 12.68 5.36 -12.59
CA VAL A 68 12.30 4.47 -13.69
C VAL A 68 11.35 3.41 -13.13
N LYS A 69 10.78 2.60 -14.03
CA LYS A 69 9.81 1.58 -13.62
C LYS A 69 10.48 0.30 -13.10
N ASP A 70 11.40 0.44 -12.16
CA ASP A 70 12.06 -0.72 -11.57
C ASP A 70 11.30 -1.19 -10.33
N VAL A 71 11.29 -0.37 -9.29
CA VAL A 71 10.54 -0.70 -8.10
C VAL A 71 9.07 -0.29 -8.21
N MET A 72 8.20 -1.03 -7.51
CA MET A 72 6.78 -0.69 -7.40
C MET A 72 6.63 0.55 -6.51
N ARG A 73 5.69 1.42 -6.87
CA ARG A 73 5.38 2.64 -6.10
C ARG A 73 3.91 2.59 -5.75
N PHE A 74 3.58 2.69 -4.46
CA PHE A 74 2.18 2.56 -4.04
C PHE A 74 1.50 3.93 -3.85
N ASN A 75 0.25 4.04 -4.32
CA ASN A 75 -0.54 5.30 -4.20
C ASN A 75 0.13 6.52 -4.85
N GLU A 76 0.86 6.25 -5.93
CA GLU A 76 1.42 7.27 -6.81
C GLU A 76 0.98 6.96 -8.25
N PRO A 77 0.99 7.97 -9.15
CA PRO A 77 0.51 7.79 -10.53
C PRO A 77 1.33 6.92 -11.50
N MET A 78 2.53 6.49 -11.11
CA MET A 78 3.37 5.71 -12.03
C MET A 78 2.74 4.42 -12.56
N TYR A 79 2.14 3.64 -11.67
CA TYR A 79 1.58 2.32 -11.98
C TYR A 79 0.08 2.27 -11.83
N LYS A 80 -0.56 1.39 -12.62
CA LYS A 80 -2.00 1.22 -12.62
C LYS A 80 -2.45 0.59 -11.32
N VAL A 81 -3.71 0.81 -10.96
CA VAL A 81 -4.26 0.20 -9.74
C VAL A 81 -3.97 -1.30 -9.68
N GLY A 82 -4.25 -1.99 -10.78
CA GLY A 82 -4.05 -3.45 -10.84
C GLY A 82 -2.62 -3.88 -10.59
N GLU A 83 -1.66 -3.15 -11.16
CA GLU A 83 -0.25 -3.46 -10.92
C GLU A 83 0.08 -3.30 -9.43
N GLN A 84 -0.33 -2.18 -8.84
CA GLN A 84 -0.04 -1.92 -7.43
C GLN A 84 -0.68 -2.99 -6.55
N ASN A 85 -1.98 -3.21 -6.74
CA ASN A 85 -2.73 -4.10 -5.87
C ASN A 85 -2.33 -5.57 -6.00
N SER A 86 -1.87 -5.96 -7.17
N SER A 86 -1.88 -5.96 -7.18
CA SER A 86 -1.51 -7.37 -7.42
CA SER A 86 -1.49 -7.35 -7.42
C SER A 86 -0.31 -7.81 -6.57
C SER A 86 -0.37 -7.78 -6.48
N VAL A 87 0.57 -6.88 -6.22
CA VAL A 87 1.71 -7.18 -5.37
C VAL A 87 1.21 -7.70 -4.01
N CYS A 88 0.24 -6.99 -3.43
CA CYS A 88 -0.38 -7.40 -2.16
C CYS A 88 -0.88 -8.83 -2.23
N MET A 89 -1.40 -9.24 -3.39
CA MET A 89 -2.04 -10.55 -3.57
C MET A 89 -1.03 -11.66 -3.88
N SER A 90 0.27 -11.32 -3.86
CA SER A 90 1.30 -12.37 -3.82
C SER A 90 1.32 -13.02 -2.42
N CYS A 91 0.73 -12.36 -1.42
CA CYS A 91 0.62 -12.93 -0.05
C CYS A 91 -0.80 -13.05 0.46
N HIS A 92 -1.61 -12.02 0.24
CA HIS A 92 -2.96 -11.95 0.78
C HIS A 92 -3.93 -12.75 -0.04
N LEU A 93 -5.02 -13.17 0.61
CA LEU A 93 -6.05 -13.97 -0.04
C LEU A 93 -7.32 -13.15 -0.10
N PRO A 94 -7.81 -12.89 -1.32
CA PRO A 94 -9.06 -12.12 -1.48
C PRO A 94 -10.23 -12.69 -0.68
N GLU A 95 -10.35 -14.01 -0.58
CA GLU A 95 -11.43 -14.65 0.21
CA GLU A 95 -11.47 -14.56 0.20
C GLU A 95 -11.37 -14.17 1.67
N GLN A 96 -10.16 -14.10 2.21
CA GLN A 96 -9.98 -13.68 3.59
C GLN A 96 -10.20 -12.19 3.77
N LEU A 97 -9.77 -11.39 2.80
CA LEU A 97 -10.05 -9.94 2.88
C LEU A 97 -11.56 -9.66 3.00
N GLN A 98 -12.38 -10.43 2.28
CA GLN A 98 -13.86 -10.32 2.34
C GLN A 98 -14.37 -10.57 3.74
N LYS A 99 -13.79 -11.55 4.42
CA LYS A 99 -14.26 -11.92 5.75
C LYS A 99 -13.86 -10.83 6.76
N ALA A 100 -12.75 -10.15 6.49
CA ALA A 100 -12.29 -9.06 7.34
C ALA A 100 -13.12 -7.80 7.18
N PHE A 101 -13.48 -7.49 5.95
CA PHE A 101 -14.13 -6.21 5.64
C PHE A 101 -14.70 -6.30 4.24
N TRP A 102 -16.04 -6.33 4.15
CA TRP A 102 -16.68 -6.59 2.87
C TRP A 102 -16.20 -5.73 1.67
N PRO A 103 -16.11 -4.38 1.82
CA PRO A 103 -15.75 -3.54 0.66
C PRO A 103 -14.46 -3.89 -0.12
N HIS A 104 -13.62 -4.75 0.43
CA HIS A 104 -12.39 -5.14 -0.28
C HIS A 104 -12.58 -5.58 -1.75
N ASP A 105 -13.47 -6.54 -1.99
CA ASP A 105 -13.55 -7.11 -3.34
C ASP A 105 -13.80 -6.05 -4.42
N VAL A 106 -14.79 -5.17 -4.19
CA VAL A 106 -15.12 -4.16 -5.20
C VAL A 106 -13.95 -3.20 -5.46
N HIS A 107 -13.03 -3.07 -4.52
CA HIS A 107 -11.93 -2.13 -4.68
C HIS A 107 -10.65 -2.73 -5.20
N VAL A 108 -10.55 -4.07 -5.20
CA VAL A 108 -9.29 -4.74 -5.58
C VAL A 108 -8.79 -4.29 -6.96
N THR A 109 -9.70 -4.13 -7.92
CA THR A 109 -9.31 -3.68 -9.27
C THR A 109 -9.57 -2.20 -9.52
N LYS A 110 -10.08 -1.49 -8.51
CA LYS A 110 -10.62 -0.16 -8.73
C LYS A 110 -9.88 0.99 -8.05
N VAL A 111 -9.30 0.76 -6.87
CA VAL A 111 -8.56 1.85 -6.21
C VAL A 111 -7.32 1.30 -5.52
N ALA A 112 -6.24 2.07 -5.50
CA ALA A 112 -4.99 1.61 -4.82
C ALA A 112 -5.24 1.20 -3.35
N CYS A 113 -4.76 0.02 -2.96
CA CYS A 113 -4.90 -0.40 -1.55
C CYS A 113 -4.36 0.68 -0.61
N ALA A 114 -3.24 1.30 -1.00
CA ALA A 114 -2.60 2.29 -0.13
C ALA A 114 -3.27 3.68 -0.13
N SER A 115 -4.36 3.85 -0.88
CA SER A 115 -5.22 5.03 -0.71
C SER A 115 -5.86 4.98 0.70
N CYS A 116 -6.18 3.77 1.16
CA CYS A 116 -6.70 3.60 2.53
C CYS A 116 -5.60 3.24 3.54
N HIS A 117 -4.86 2.17 3.25
CA HIS A 117 -3.90 1.68 4.21
C HIS A 117 -2.62 2.49 4.18
N SER A 118 -1.99 2.63 5.35
CA SER A 118 -0.65 3.20 5.46
CA SER A 118 -0.63 3.17 5.42
C SER A 118 0.22 2.17 6.19
N LEU A 119 1.20 1.62 5.47
CA LEU A 119 1.92 0.44 5.98
C LEU A 119 3.25 0.72 6.66
N HIS A 120 3.89 1.84 6.29
CA HIS A 120 5.19 2.19 6.88
C HIS A 120 5.15 2.72 8.33
N PRO A 121 4.15 3.55 8.66
CA PRO A 121 4.10 4.11 10.04
C PRO A 121 3.86 3.04 11.10
N GLN A 122 4.04 3.43 12.36
CA GLN A 122 3.91 2.49 13.48
C GLN A 122 2.53 1.88 13.60
N GLN A 123 1.52 2.59 13.11
CA GLN A 123 0.14 2.08 13.09
CA GLN A 123 0.14 2.09 13.09
C GLN A 123 -0.53 2.44 11.77
N ASP A 124 -1.45 1.58 11.33
CA ASP A 124 -2.24 1.79 10.10
C ASP A 124 -3.60 2.34 10.51
N THR A 125 -3.91 3.55 10.08
CA THR A 125 -5.11 4.21 10.56
CA THR A 125 -5.12 4.25 10.50
C THR A 125 -6.39 3.42 10.26
N MET A 126 -6.38 2.58 9.21
CA MET A 126 -7.57 1.76 8.92
C MET A 126 -7.96 0.83 10.07
N GLN A 127 -6.97 0.36 10.83
CA GLN A 127 -7.21 -0.67 11.85
C GLN A 127 -7.89 -0.08 13.08
N THR A 128 -7.84 1.24 13.21
CA THR A 128 -8.32 1.91 14.41
C THR A 128 -9.49 2.88 14.18
N LEU A 129 -10.05 2.89 12.96
CA LEU A 129 -11.18 3.76 12.65
C LEU A 129 -12.38 3.46 13.54
N SER A 130 -13.14 4.49 13.91
CA SER A 130 -14.41 4.29 14.59
C SER A 130 -15.41 3.73 13.60
N ASP A 131 -16.54 3.22 14.11
CA ASP A 131 -17.64 2.81 13.23
C ASP A 131 -18.04 3.98 12.32
N LYS A 132 -18.10 5.17 12.89
N LYS A 132 -18.12 5.18 12.88
CA LYS A 132 -18.41 6.38 12.14
CA LYS A 132 -18.43 6.38 12.09
C LYS A 132 -17.36 6.63 11.04
C LYS A 132 -17.36 6.65 11.03
N GLY A 133 -16.08 6.56 11.43
CA GLY A 133 -14.97 6.82 10.50
C GLY A 133 -14.94 5.84 9.33
N ARG A 134 -15.36 4.61 9.61
CA ARG A 134 -15.30 3.54 8.62
C ARG A 134 -16.38 3.69 7.54
N ILE A 135 -17.32 4.62 7.76
CA ILE A 135 -18.33 5.00 6.78
C ILE A 135 -17.94 6.35 6.12
N LYS A 136 -17.29 7.21 6.90
CA LYS A 136 -16.90 8.54 6.44
C LYS A 136 -15.90 8.42 5.30
N ILE A 137 -15.02 7.40 5.36
CA ILE A 137 -14.04 7.22 4.27
C ILE A 137 -14.74 7.02 2.93
N CYS A 138 -15.86 6.30 2.94
CA CYS A 138 -16.63 6.04 1.72
C CYS A 138 -17.16 7.34 1.14
N VAL A 139 -17.78 8.13 2.00
CA VAL A 139 -18.33 9.42 1.60
C VAL A 139 -17.23 10.32 1.07
N ASP A 140 -16.12 10.43 1.81
CA ASP A 140 -15.05 11.35 1.45
C ASP A 140 -14.51 11.03 0.05
N CYS A 141 -14.20 9.76 -0.21
CA CYS A 141 -13.58 9.46 -1.48
C CYS A 141 -14.58 9.43 -2.64
N HIS A 142 -15.77 8.85 -2.42
CA HIS A 142 -16.77 8.85 -3.47
C HIS A 142 -17.22 10.28 -3.83
N SER A 143 -17.33 11.15 -2.84
CA SER A 143 -17.63 12.57 -3.08
CA SER A 143 -17.65 12.56 -3.11
C SER A 143 -16.53 13.22 -3.93
N ASP A 144 -15.28 12.97 -3.56
CA ASP A 144 -14.18 13.54 -4.35
C ASP A 144 -14.22 13.10 -5.81
N GLN A 145 -14.59 11.83 -6.04
CA GLN A 145 -14.73 11.31 -7.42
C GLN A 145 -15.76 12.09 -8.22
N ARG A 146 -16.75 12.64 -7.52
CA ARG A 146 -17.82 13.41 -8.15
C ARG A 146 -17.45 14.87 -8.40
N THR A 147 -16.49 15.41 -7.64
CA THR A 147 -16.22 16.85 -7.72
C THR A 147 -14.80 17.20 -8.19
N ASN A 148 -13.95 16.20 -8.30
CA ASN A 148 -12.53 16.43 -8.56
C ASN A 148 -12.16 15.93 -9.95
N PRO A 149 -12.00 16.86 -10.91
CA PRO A 149 -11.66 16.46 -12.29
C PRO A 149 -10.32 15.74 -12.41
N ASN A 150 -9.46 15.90 -11.40
CA ASN A 150 -8.12 15.30 -11.40
C ASN A 150 -8.06 14.00 -10.62
N PHE A 151 -9.21 13.49 -10.19
CA PHE A 151 -9.23 12.25 -9.40
C PHE A 151 -8.50 11.15 -10.15
N ASN A 152 -7.60 10.45 -9.46
CA ASN A 152 -6.86 9.36 -10.05
C ASN A 152 -6.87 8.19 -9.07
N PRO A 153 -7.51 7.06 -9.43
CA PRO A 153 -7.66 5.94 -8.49
C PRO A 153 -6.31 5.26 -8.14
N ALA A 154 -5.29 5.52 -8.95
CA ALA A 154 -3.92 5.04 -8.68
C ALA A 154 -3.19 5.85 -7.58
N SER A 155 -3.67 7.06 -7.31
CA SER A 155 -2.97 7.98 -6.41
C SER A 155 -3.98 8.94 -5.79
N VAL A 156 -4.38 8.62 -4.56
CA VAL A 156 -5.40 9.39 -3.85
C VAL A 156 -4.83 9.93 -2.54
N PRO A 157 -4.59 11.24 -2.45
CA PRO A 157 -4.06 11.81 -1.19
C PRO A 157 -5.10 12.13 -0.11
N LEU A 158 -6.40 11.98 -0.43
CA LEU A 158 -7.49 12.49 0.43
C LEU A 158 -7.45 12.09 1.89
N LEU A 159 -7.21 10.80 2.12
CA LEU A 159 -7.29 10.24 3.46
C LEU A 159 -5.99 10.41 4.23
N LYS A 160 -4.96 10.97 3.59
CA LYS A 160 -3.62 11.09 4.19
C LYS A 160 -3.45 12.40 4.96
FE HEC B . 15.42 3.47 -3.74
CHA HEC B . 13.27 5.83 -5.05
CHB HEC B . 12.83 1.47 -3.00
CHC HEC B . 17.62 0.93 -2.73
CHD HEC B . 18.02 5.61 -4.01
NA HEC B . 13.44 3.63 -4.00
C1A HEC B . 12.72 4.69 -4.51
C2A HEC B . 11.30 4.39 -4.38
C3A HEC B . 11.20 3.18 -3.80
C4A HEC B . 12.53 2.69 -3.56
CMA HEC B . 9.90 2.39 -3.45
CAA HEC B . 10.18 5.34 -4.85
CBA HEC B . 9.84 6.33 -3.74
CGA HEC B . 8.46 6.88 -3.99
O1A HEC B . 7.45 6.12 -3.78
O2A HEC B . 8.37 8.07 -4.40
NB HEC B . 15.28 1.52 -3.01
C1B HEC B . 14.06 0.89 -2.84
C2B HEC B . 14.31 -0.49 -2.46
C3B HEC B . 15.64 -0.65 -2.37
C4B HEC B . 16.27 0.62 -2.70
CMB HEC B . 13.20 -1.54 -2.18
CAB HEC B . 16.44 -1.92 -2.01
CBB HEC B . 16.08 -3.18 -2.84
NC HEC B . 17.42 3.29 -3.40
C1C HEC B . 18.13 2.18 -3.03
C2C HEC B . 19.53 2.57 -2.88
C3C HEC B . 19.66 3.81 -3.42
C4C HEC B . 18.32 4.32 -3.63
CMC HEC B . 20.61 1.49 -2.67
CAC HEC B . 20.92 4.73 -3.60
CBC HEC B . 22.22 3.97 -3.90
ND HEC B . 15.60 5.44 -4.41
C1D HEC B . 16.81 6.11 -4.48
C2D HEC B . 16.60 7.43 -5.09
C3D HEC B . 15.10 7.49 -5.41
C4D HEC B . 14.58 6.21 -4.96
CMD HEC B . 17.63 8.54 -5.38
CAD HEC B . 14.31 8.62 -6.08
CBD HEC B . 14.16 8.26 -7.56
CGD HEC B . 13.12 9.11 -8.25
O1D HEC B . 13.39 10.31 -8.50
O2D HEC B . 12.00 8.60 -8.54
FE HEC C . 7.71 0.69 1.23
CHA HEC C . 6.19 3.55 0.44
CHB HEC C . 10.79 2.05 0.67
CHC HEC C . 9.23 -2.05 2.62
CHD HEC C . 4.74 -1.06 1.02
NA HEC C . 8.37 2.47 0.65
C1A HEC C . 7.55 3.53 0.34
C2A HEC C . 8.41 4.63 -0.09
C3A HEC C . 9.69 4.22 -0.03
C4A HEC C . 9.68 2.85 0.45
CMA HEC C . 10.95 5.04 -0.38
CAA HEC C . 7.92 6.03 -0.54
CBA HEC C . 7.01 6.54 0.58
CGA HEC C . 7.58 7.71 1.29
O1A HEC C . 7.18 8.86 0.95
O2A HEC C . 8.42 7.49 2.21
NB HEC C . 9.66 0.10 1.56
C1B HEC C . 10.78 0.87 1.36
C2B HEC C . 11.90 0.25 2.06
C3B HEC C . 11.45 -0.89 2.57
C4B HEC C . 10.04 -0.99 2.29
CMB HEC C . 13.36 0.77 2.03
CAB HEC C . 12.25 -1.92 3.43
CBB HEC C . 12.78 -1.22 4.71
NC HEC C . 7.11 -1.22 1.69
C1C HEC C . 7.89 -2.18 2.30
C2C HEC C . 7.10 -3.38 2.49
C3C HEC C . 5.82 -3.06 2.14
C4C HEC C . 5.83 -1.71 1.59
CMC HEC C . 7.63 -4.61 3.28
CAC HEC C . 4.48 -3.84 2.15
CBC HEC C . 4.28 -4.84 3.27
ND HEC C . 5.76 1.15 0.77
C1D HEC C . 4.67 0.30 0.85
C2D HEC C . 3.45 1.08 0.76
C3D HEC C . 3.89 2.52 0.62
C4D HEC C . 5.35 2.48 0.58
CMD HEC C . 2.01 0.53 0.84
CAD HEC C . 3.01 3.77 0.50
CBD HEC C . 3.10 4.52 1.85
CGD HEC C . 2.69 3.69 3.06
O1D HEC C . 3.37 3.75 4.13
O2D HEC C . 1.68 2.96 2.97
FE HEC D . 0.18 -7.50 4.20
CHA HEC D . -0.84 -7.89 7.42
CHB HEC D . -2.07 -4.95 3.82
CHC HEC D . 1.42 -6.85 1.06
CHD HEC D . 2.14 -10.28 4.41
NA HEC D . -1.25 -6.60 5.37
C1A HEC D . -1.41 -6.85 6.73
C2A HEC D . -2.33 -5.87 7.28
C3A HEC D . -2.68 -5.04 6.29
C4A HEC D . -2.01 -5.51 5.07
CMA HEC D . -3.62 -3.83 6.34
CAA HEC D . -2.75 -5.78 8.78
CBA HEC D . -1.85 -4.63 9.29
CGA HEC D . -2.17 -4.04 10.64
O1A HEC D . -1.60 -2.95 10.97
O2A HEC D . -2.96 -4.67 11.41
NB HEC D . -0.20 -6.18 2.75
C1B HEC D . -1.18 -5.20 2.80
C2B HEC D . -1.10 -4.42 1.58
C3B HEC D . -0.15 -4.93 0.82
C4B HEC D . 0.43 -6.04 1.54
CMB HEC D . -2.04 -3.23 1.27
CAB HEC D . 0.36 -4.48 -0.57
CBB HEC D . 0.74 -2.97 -0.63
NC HEC D . 1.53 -8.41 2.96
C1C HEC D . 1.92 -7.97 1.70
C2C HEC D . 2.91 -8.87 1.17
C3C HEC D . 3.16 -9.80 2.14
C4C HEC D . 2.25 -9.54 3.26
CMC HEC D . 3.63 -8.70 -0.16
CAC HEC D . 4.15 -10.98 2.14
CBC HEC D . 5.49 -10.69 1.44
ND HEC D . 0.58 -8.89 5.70
C1D HEC D . 1.40 -9.99 5.53
C2D HEC D . 1.38 -10.79 6.76
C3D HEC D . 0.44 -10.02 7.70
C4D HEC D . 0.00 -8.87 6.96
CMD HEC D . 2.14 -12.10 7.03
CAD HEC D . 0.05 -10.42 9.14
CBD HEC D . -1.24 -11.21 9.15
CGD HEC D . -1.48 -11.63 10.59
O1D HEC D . -1.22 -12.83 10.92
O2D HEC D . -1.92 -10.78 11.41
FE HEC E . -7.98 -3.26 3.57
CHA HEC E . -8.34 -4.51 6.75
CHB HEC E . -5.60 -5.64 2.91
CHC HEC E . -7.74 -2.10 0.37
CHD HEC E . -10.06 -0.65 4.33
NA HEC E . -7.12 -4.80 4.64
C1A HEC E . -7.41 -5.14 5.94
C2A HEC E . -6.56 -6.26 6.30
C3A HEC E . -5.81 -6.58 5.25
C4A HEC E . -6.14 -5.66 4.17
CMA HEC E . -4.74 -7.70 5.13
CAA HEC E . -6.54 -6.95 7.70
CBA HEC E . -7.60 -8.03 7.74
CGA HEC E . -7.50 -8.81 9.03
O1A HEC E . -7.35 -8.18 10.12
O2A HEC E . -7.57 -10.07 8.98
NB HEC E . -6.88 -3.75 1.96
C1B HEC E . -6.00 -4.83 1.86
C2B HEC E . -5.61 -4.99 0.47
C3B HEC E . -6.19 -4.00 -0.22
C4B HEC E . -7.00 -3.22 0.70
CMB HEC E . -4.61 -6.05 -0.07
CAB HEC E . -6.14 -3.69 -1.73
CBB HEC E . -6.46 -4.93 -2.61
NC HEC E . -8.77 -1.69 2.55
C1C HEC E . -8.51 -1.35 1.25
C2C HEC E . -9.30 -0.17 0.89
C3C HEC E . -9.88 0.27 2.01
C4C HEC E . -9.58 -0.70 3.06
CMC HEC E . -9.21 0.57 -0.48
CAC HEC E . -10.78 1.51 2.25
CBC HEC E . -12.04 1.63 1.40
ND HEC E . -9.03 -2.68 5.26
C1D HEC E . -9.81 -1.54 5.33
C2D HEC E . -10.37 -1.41 6.68
C3D HEC E . -9.83 -2.62 7.44
C4D HEC E . -9.02 -3.35 6.48
CMD HEC E . -11.29 -0.29 7.22
CAD HEC E . -10.08 -2.98 8.91
CBD HEC E . -11.28 -3.90 9.05
CGD HEC E . -11.37 -4.16 10.55
O1D HEC E . -11.38 -5.34 10.97
O2D HEC E . -11.42 -3.18 11.34
FE HEC F . -15.54 2.76 -3.35
FE HEC F . -15.42 2.69 -3.05
CHA HEC F . -16.35 1.65 -6.43
CHA HEC F . -16.38 1.60 -6.25
CHB HEC F . -18.25 1.02 -2.01
CHB HEC F . -18.27 1.21 -1.81
CHC HEC F . -14.61 3.62 -0.16
CHC HEC F . -14.45 3.62 0.01
CHD HEC F . -12.71 4.31 -4.52
CHD HEC F . -12.82 4.46 -4.45
NA HEC F . -17.04 1.54 -4.06
NA HEC F . -17.03 1.55 -3.89
C1A HEC F . -17.18 1.21 -5.40
C1A HEC F . -17.26 1.30 -5.23
C2A HEC F . -18.30 0.31 -5.53
C2A HEC F . -18.57 0.67 -5.37
C3A HEC F . -18.84 0.13 -4.29
C3A HEC F . -19.08 0.56 -4.12
C4A HEC F . -18.05 0.91 -3.36
C4A HEC F . -18.13 1.11 -3.18
CMA HEC F . -20.04 -0.74 -3.86
CMA HEC F . -20.44 -0.05 -3.71
CAA HEC F . -18.76 -0.27 -6.90
CAA HEC F . -19.21 0.22 -6.71
CBA HEC F . -19.06 -1.76 -6.86
CBA HEC F . -18.61 -1.10 -7.19
CGA HEC F . -19.42 -2.25 -8.24
CGA HEC F . -19.04 -1.55 -8.56
O1A HEC F . -18.73 -3.18 -8.71
O1A HEC F . -20.12 -1.14 -9.09
O2A HEC F . -20.39 -1.72 -8.85
O2A HEC F . -18.28 -2.36 -9.16
NB HEC F . -16.30 2.42 -1.47
NB HEC F . -16.23 2.49 -1.27
C1B HEC F . -17.40 1.64 -1.12
C1B HEC F . -17.38 1.79 -0.93
C2B HEC F . -17.49 1.58 0.32
C2B HEC F . -17.48 1.80 0.52
C3B HEC F . -16.47 2.28 0.82
C3B HEC F . -16.42 2.44 1.01
C4B HEC F . -15.73 2.83 -0.30
C4B HEC F . -15.62 2.90 -0.11
CMB HEC F . -18.57 0.79 1.09
CMB HEC F . -18.62 1.13 1.34
CAB HEC F . -16.07 2.56 2.29
CAB HEC F . -16.03 2.74 2.48
CBB HEC F . -16.19 1.32 3.23
CBB HEC F . -15.62 1.49 3.29
NC HEC F . -13.95 3.74 -2.52
NC HEC F . -13.93 3.87 -2.37
C1C HEC F . -13.81 4.05 -1.18
C1C HEC F . -13.68 4.07 -1.04
C2C HEC F . -12.64 4.85 -1.00
C2C HEC F . -12.51 4.91 -0.92
C3C HEC F . -12.13 5.10 -2.21
C3C HEC F . -11.98 5.05 -2.14
C4C HEC F . -12.93 4.38 -3.18
C4C HEC F . -12.92 4.46 -3.08
CMC HEC F . -12.24 5.46 0.36
CMC HEC F . -11.86 5.23 0.44
CAC HEC F . -10.90 5.97 -2.61
CAC HEC F . -10.70 5.82 -2.62
CBC HEC F . -9.84 6.06 -1.49
CBC HEC F . -9.81 6.46 -1.52
ND HEC F . -14.62 2.90 -5.17
ND HEC F . -14.73 3.01 -5.03
C1D HEC F . -13.54 3.73 -5.44
C1D HEC F . -13.59 3.74 -5.32
C2D HEC F . -13.43 3.90 -6.86
C2D HEC F . -13.32 3.63 -6.75
C3D HEC F . -14.56 3.08 -7.46
C3D HEC F . -14.43 2.74 -7.31
C4D HEC F . -15.26 2.48 -6.34
C4D HEC F . -15.26 2.40 -6.17
CMD HEC F . -12.39 4.75 -7.61
CMD HEC F . -12.17 4.28 -7.52
CAD HEC F . -14.91 2.94 -8.96
CAD HEC F . -14.61 2.32 -8.77
CBD HEC F . -15.72 4.15 -9.39
CBD HEC F . -15.67 3.22 -9.40
CGD HEC F . -17.00 4.24 -8.61
CGD HEC F . -15.87 2.92 -10.86
O1D HEC F . -17.16 5.17 -7.76
O1D HEC F . -16.30 3.84 -11.60
O2D HEC F . -17.88 3.36 -8.83
O2D HEC F . -15.61 1.76 -11.31
#